data_4NHC
#
_entry.id   4NHC
#
_cell.length_a   226.107
_cell.length_b   226.107
_cell.length_c   41.824
_cell.angle_alpha   90.00
_cell.angle_beta   90.00
_cell.angle_gamma   120.00
#
_symmetry.space_group_name_H-M   'P 61 2 2'
#
loop_
_entity.id
_entity.type
_entity.pdbx_description
1 polymer 'FAB LIGHT CHAIN'
2 polymer 'FAB HEAVY CHAIN'
3 polymer 'MODIFIED FRAGMENT OF HIV GLYCOPROTEIN (GP41)'
4 non-polymer 'trifluoroacetic acid'
5 non-polymer 'PHOSPHATE ION'
6 water water
#
loop_
_entity_poly.entity_id
_entity_poly.type
_entity_poly.pdbx_seq_one_letter_code
_entity_poly.pdbx_strand_id
1 'polypeptide(L)'
;EIVLTQSPGTQSLSPGERATLSCRASQSVGNNKLAWYQQRPGQAPRLLIYGASSRPSGVADRFSGSGSGTDFTLTISRLE
PEDFAVYYCQQYGQSLSTFGQGTKVEVKRTVAAPSVFIFPPSDEQLKSGTASVVCLLNNFYPREAKVQWKVDNALQSGNS
QESVTEQDSKDSTYSLSSTLTLSKADYEKHKVYACEVTHQGLSSPVTKSFNRGEC
;
L
2 'polypeptide(L)'
;QVQLVQSGAEVKRPGSSVTVSCKASGGSFSTYALSWVRQAPGRGLEWMGGVIPLLTITNYAPRFQGRITITADRSTSTAY
LELNSLRPEDTAVYYCAREGTTGWGWLGKPIGAFAHWGQGTLVTVSSASTKGPSVFPLAPSSKSTSGGTAALGCLVKDYF
PEPVTVSWNSGALTSGVHTFPAVLQSSGLYSLSSVVTVPSSSLGTQTYICNVNHKPSNTKVDKKVEPK
;
H
3 'polypeptide(L)' (ACE)NWFNITN(DIV)LW(MK8)IKKKK P
#
# COMPACT_ATOMS: atom_id res chain seq x y z
N GLU A 1 -15.34 -0.69 22.58
CA GLU A 1 -14.35 -0.23 21.60
C GLU A 1 -14.60 1.23 21.20
N ILE A 2 -13.53 2.02 21.17
CA ILE A 2 -13.62 3.42 20.78
C ILE A 2 -13.31 3.56 19.30
N VAL A 3 -14.19 4.25 18.58
CA VAL A 3 -14.03 4.44 17.14
C VAL A 3 -13.49 5.82 16.81
N LEU A 4 -12.35 5.87 16.12
CA LEU A 4 -11.78 7.13 15.69
C LEU A 4 -12.19 7.41 14.25
N THR A 5 -12.92 8.50 14.06
CA THR A 5 -13.42 8.88 12.75
C THR A 5 -12.61 10.01 12.17
N GLN A 6 -11.91 9.72 11.07
CA GLN A 6 -11.02 10.69 10.44
C GLN A 6 -11.64 11.27 9.17
N SER A 7 -11.61 12.59 9.05
CA SER A 7 -12.12 13.24 7.86
C SER A 7 -11.36 14.52 7.56
N PRO A 8 -11.36 14.94 6.28
CA PRO A 8 -12.01 14.22 5.18
C PRO A 8 -11.28 12.93 4.84
N GLY A 9 -11.87 12.13 3.94
CA GLY A 9 -11.22 10.91 3.49
C GLY A 9 -9.97 11.26 2.71
N THR A 10 -10.09 12.21 1.80
CA THR A 10 -8.97 12.70 1.04
C THR A 10 -9.01 14.22 0.97
N GLN A 11 -7.99 14.87 1.52
CA GLN A 11 -7.87 16.32 1.46
C GLN A 11 -6.83 16.67 0.42
N SER A 12 -7.26 17.38 -0.61
CA SER A 12 -6.41 17.69 -1.75
C SER A 12 -6.11 19.17 -1.79
N LEU A 13 -4.83 19.52 -1.68
CA LEU A 13 -4.45 20.93 -1.72
C LEU A 13 -3.00 21.15 -2.13
N SER A 14 -2.71 22.39 -2.52
CA SER A 14 -1.41 22.75 -3.07
C SER A 14 -0.35 22.79 -1.99
N PRO A 15 0.92 22.59 -2.38
CA PRO A 15 2.04 22.72 -1.43
C PRO A 15 2.12 24.14 -0.86
N GLY A 16 2.93 24.32 0.19
CA GLY A 16 3.10 25.63 0.79
C GLY A 16 1.85 26.08 1.53
N GLU A 17 0.77 25.31 1.38
CA GLU A 17 -0.47 25.62 2.07
C GLU A 17 -0.56 24.93 3.43
N ARG A 18 -1.67 25.17 4.12
CA ARG A 18 -1.88 24.59 5.44
C ARG A 18 -2.93 23.49 5.38
N ALA A 19 -2.66 22.40 6.08
CA ALA A 19 -3.58 21.26 6.13
C ALA A 19 -4.11 21.03 7.53
N THR A 20 -5.43 20.88 7.63
CA THR A 20 -6.07 20.61 8.91
C THR A 20 -6.87 19.33 8.82
N LEU A 21 -6.37 18.28 9.48
CA LEU A 21 -7.04 16.98 9.49
C LEU A 21 -7.84 16.76 10.75
N SER A 22 -9.03 16.18 10.59
CA SER A 22 -9.97 16.05 11.70
C SER A 22 -10.09 14.60 12.19
N CYS A 23 -10.05 14.45 13.51
CA CYS A 23 -10.23 13.14 14.13
C CYS A 23 -11.23 13.27 15.28
N ARG A 24 -12.33 12.54 15.18
CA ARG A 24 -13.39 12.59 16.20
C ARG A 24 -13.69 11.21 16.78
N ALA A 25 -13.56 11.09 18.10
CA ALA A 25 -13.74 9.81 18.78
C ALA A 25 -15.19 9.57 19.20
N SER A 26 -15.61 8.31 19.19
CA SER A 26 -16.98 7.97 19.55
C SER A 26 -17.19 8.16 21.06
N GLN A 27 -16.09 8.29 21.79
CA GLN A 27 -16.12 8.47 23.23
C GLN A 27 -15.05 9.46 23.68
N SER A 28 -15.09 9.85 24.95
CA SER A 28 -14.13 10.80 25.48
C SER A 28 -12.78 10.12 25.68
N VAL A 29 -11.76 10.60 24.97
CA VAL A 29 -10.41 10.07 25.11
C VAL A 29 -9.73 10.60 26.37
N GLY A 30 -9.53 9.71 27.34
CA GLY A 30 -8.98 10.10 28.63
C GLY A 30 -7.57 10.63 28.56
N ASN A 31 -7.31 11.66 29.36
CA ASN A 31 -5.99 12.26 29.46
C ASN A 31 -5.44 12.69 28.10
N ASN A 32 -6.34 12.85 27.14
CA ASN A 32 -5.95 13.31 25.80
C ASN A 32 -4.84 12.47 25.18
N LYS A 33 -4.88 11.17 25.43
CA LYS A 33 -3.87 10.26 24.89
C LYS A 33 -4.13 9.99 23.40
N LEU A 34 -3.75 10.94 22.56
CA LEU A 34 -4.01 10.86 21.12
C LEU A 34 -2.73 11.13 20.34
N ALA A 35 -2.46 10.28 19.35
CA ALA A 35 -1.25 10.41 18.54
C ALA A 35 -1.57 10.48 17.04
N TRP A 36 -0.76 11.24 16.33
CA TRP A 36 -0.88 11.34 14.88
C TRP A 36 0.41 10.81 14.26
N TYR A 37 0.24 9.84 13.35
CA TYR A 37 1.35 9.24 12.61
C TYR A 37 1.26 9.60 11.13
N GLN A 38 2.41 9.70 10.48
CA GLN A 38 2.49 9.93 9.05
C GLN A 38 3.10 8.74 8.35
N GLN A 39 2.33 8.10 7.49
CA GLN A 39 2.85 7.02 6.66
C GLN A 39 3.07 7.49 5.23
N ARG A 40 4.32 7.55 4.82
CA ARG A 40 4.66 7.85 3.44
C ARG A 40 4.59 6.56 2.63
N PRO A 41 4.23 6.66 1.35
CA PRO A 41 3.93 5.55 0.44
C PRO A 41 4.48 4.17 0.84
N GLY A 42 5.76 3.92 0.59
CA GLY A 42 6.30 2.58 0.81
C GLY A 42 7.04 2.35 2.11
N GLN A 43 6.72 3.16 3.11
CA GLN A 43 7.45 3.11 4.38
C GLN A 43 6.58 2.68 5.55
N ALA A 44 7.13 2.80 6.75
CA ALA A 44 6.39 2.54 7.99
C ALA A 44 5.92 3.85 8.61
N PRO A 45 4.94 3.78 9.51
CA PRO A 45 4.40 4.99 10.16
C PRO A 45 5.47 5.78 10.89
N ARG A 46 5.37 7.10 10.87
CA ARG A 46 6.31 7.97 11.57
C ARG A 46 5.55 8.84 12.56
N LEU A 47 5.79 8.63 13.84
CA LEU A 47 5.08 9.35 14.89
C LEU A 47 5.27 10.85 14.78
N LEU A 48 4.17 11.57 14.69
CA LEU A 48 4.19 13.03 14.59
C LEU A 48 3.78 13.69 15.90
N ILE A 49 2.65 13.27 16.46
CA ILE A 49 2.13 13.89 17.68
C ILE A 49 1.66 12.88 18.72
N TYR A 50 1.79 13.24 19.99
CA TYR A 50 1.25 12.43 21.08
C TYR A 50 0.68 13.32 22.20
N GLY A 51 -0.23 12.76 22.98
CA GLY A 51 -0.89 13.53 24.03
C GLY A 51 -1.69 14.68 23.46
N ALA A 52 -2.06 14.53 22.20
CA ALA A 52 -2.84 15.54 21.46
C ALA A 52 -2.04 16.78 21.09
N SER A 53 -1.27 17.31 22.03
CA SER A 53 -0.55 18.57 21.81
C SER A 53 0.94 18.35 21.59
N SER A 54 1.48 17.34 22.28
CA SER A 54 2.92 17.12 22.35
C SER A 54 3.53 16.65 21.04
N ARG A 55 4.65 17.26 20.68
CA ARG A 55 5.42 16.86 19.51
C ARG A 55 6.78 16.36 19.94
N PRO A 56 7.16 15.15 19.48
CA PRO A 56 8.50 14.63 19.75
C PRO A 56 9.57 15.58 19.24
N SER A 57 10.82 15.32 19.60
CA SER A 57 11.94 16.08 19.06
C SER A 57 12.50 15.36 17.85
N GLY A 58 12.48 16.04 16.71
CA GLY A 58 12.84 15.45 15.43
C GLY A 58 11.73 15.75 14.46
N VAL A 59 10.53 15.94 15.00
CA VAL A 59 9.39 16.34 14.21
C VAL A 59 9.42 17.85 14.02
N ALA A 60 9.32 18.28 12.76
CA ALA A 60 9.45 19.69 12.42
C ALA A 60 8.26 20.50 12.93
N ASP A 61 8.51 21.79 13.19
CA ASP A 61 7.50 22.68 13.73
C ASP A 61 6.23 22.74 12.90
N ARG A 62 6.34 22.39 11.62
CA ARG A 62 5.17 22.43 10.73
C ARG A 62 3.98 21.76 11.39
N PHE A 63 4.25 20.71 12.14
CA PHE A 63 3.20 19.87 12.71
C PHE A 63 2.76 20.35 14.08
N SER A 64 1.46 20.52 14.23
CA SER A 64 0.88 20.92 15.51
C SER A 64 -0.42 20.16 15.70
N GLY A 65 -0.65 19.69 16.92
CA GLY A 65 -1.85 18.97 17.25
C GLY A 65 -2.63 19.68 18.33
N SER A 66 -3.95 19.70 18.18
CA SER A 66 -4.79 20.34 19.19
C SER A 66 -6.11 19.60 19.37
N GLY A 67 -6.97 20.17 20.19
CA GLY A 67 -8.25 19.56 20.50
C GLY A 67 -8.13 18.79 21.80
N SER A 68 -9.26 18.24 22.25
CA SER A 68 -9.27 17.45 23.47
C SER A 68 -10.61 16.75 23.64
N GLY A 69 -10.71 15.94 24.69
CA GLY A 69 -11.94 15.28 25.04
C GLY A 69 -12.45 14.34 23.97
N THR A 70 -12.94 14.91 22.87
CA THR A 70 -13.53 14.10 21.81
C THR A 70 -13.32 14.71 20.42
N ASP A 71 -12.57 15.81 20.36
CA ASP A 71 -12.33 16.48 19.09
C ASP A 71 -10.87 16.86 18.92
N PHE A 72 -10.20 16.24 17.96
CA PHE A 72 -8.77 16.45 17.77
C PHE A 72 -8.46 16.88 16.35
N THR A 73 -7.43 17.71 16.20
CA THR A 73 -7.06 18.24 14.90
C THR A 73 -5.55 18.26 14.70
N LEU A 74 -5.10 17.70 13.57
CA LEU A 74 -3.70 17.78 13.19
C LEU A 74 -3.51 18.94 12.23
N THR A 75 -2.43 19.67 12.36
CA THR A 75 -2.20 20.85 11.53
C THR A 75 -0.78 20.93 10.99
N ILE A 76 -0.65 20.86 9.67
CA ILE A 76 0.59 21.22 9.01
C ILE A 76 0.44 22.66 8.54
N SER A 77 1.42 23.51 8.81
CA SER A 77 1.28 24.93 8.53
C SER A 77 1.66 25.29 7.08
N ARG A 78 2.74 24.69 6.60
CA ARG A 78 3.20 24.93 5.24
C ARG A 78 3.69 23.64 4.62
N LEU A 79 2.82 22.99 3.85
CA LEU A 79 3.10 21.68 3.28
C LEU A 79 4.40 21.65 2.49
N GLU A 80 5.23 20.65 2.77
CA GLU A 80 6.41 20.35 1.98
C GLU A 80 6.09 19.11 1.16
N PRO A 81 6.78 18.94 0.03
CA PRO A 81 6.52 17.78 -0.84
C PRO A 81 6.34 16.47 -0.07
N GLU A 82 7.21 16.22 0.92
CA GLU A 82 7.18 14.96 1.65
C GLU A 82 5.94 14.81 2.54
N ASP A 83 5.20 15.90 2.73
CA ASP A 83 4.04 15.88 3.61
C ASP A 83 2.80 15.27 2.96
N PHE A 84 2.84 15.11 1.65
CA PHE A 84 1.74 14.48 0.94
C PHE A 84 1.80 12.98 1.13
N ALA A 85 1.16 12.50 2.19
CA ALA A 85 1.11 11.07 2.50
C ALA A 85 -0.17 10.73 3.25
N VAL A 86 -0.18 9.61 3.94
CA VAL A 86 -1.36 9.23 4.72
C VAL A 86 -1.13 9.57 6.18
N TYR A 87 -2.20 9.92 6.88
CA TYR A 87 -2.09 10.29 8.28
C TYR A 87 -3.10 9.50 9.11
N TYR A 88 -2.62 8.92 10.21
CA TYR A 88 -3.48 8.09 11.05
C TYR A 88 -3.54 8.64 12.46
N CYS A 89 -4.72 8.59 13.08
CA CYS A 89 -4.85 8.97 14.48
C CYS A 89 -5.09 7.75 15.35
N GLN A 90 -4.42 7.69 16.48
CA GLN A 90 -4.52 6.56 17.39
C GLN A 90 -4.80 7.01 18.81
N GLN A 91 -5.72 6.32 19.47
CA GLN A 91 -6.03 6.63 20.86
C GLN A 91 -5.49 5.54 21.77
N TYR A 92 -4.82 5.95 22.84
CA TYR A 92 -4.30 5.00 23.82
C TYR A 92 -4.70 5.40 25.22
N GLY A 93 -5.90 5.99 25.32
CA GLY A 93 -6.43 6.43 26.60
C GLY A 93 -6.97 5.28 27.43
N GLN A 94 -7.20 4.16 26.77
CA GLN A 94 -7.57 2.92 27.45
C GLN A 94 -6.82 1.74 26.84
N SER A 95 -6.75 0.64 27.58
CA SER A 95 -6.02 -0.55 27.16
C SER A 95 -6.18 -0.89 25.68
N LEU A 96 -7.42 -1.05 25.23
CA LEU A 96 -7.70 -1.35 23.83
C LEU A 96 -7.47 -0.10 22.97
N SER A 97 -6.28 0.00 22.40
CA SER A 97 -5.93 1.14 21.55
C SER A 97 -6.56 0.95 20.17
N THR A 98 -6.86 2.06 19.50
CA THR A 98 -7.49 2.00 18.18
C THR A 98 -6.98 3.08 17.23
N PHE A 99 -7.03 2.78 15.94
CA PHE A 99 -6.64 3.73 14.91
C PHE A 99 -7.84 4.20 14.10
N GLY A 100 -7.70 5.37 13.50
CA GLY A 100 -8.69 5.85 12.56
C GLY A 100 -8.38 5.25 11.20
N GLN A 101 -9.36 5.22 10.31
CA GLN A 101 -9.19 4.57 9.01
C GLN A 101 -8.17 5.31 8.15
N GLY A 102 -7.75 6.48 8.61
CA GLY A 102 -6.70 7.24 7.95
C GLY A 102 -7.20 8.30 6.98
N THR A 103 -6.33 9.25 6.64
CA THR A 103 -6.69 10.31 5.71
C THR A 103 -5.54 10.57 4.76
N LYS A 104 -5.84 10.62 3.47
CA LYS A 104 -4.82 10.91 2.48
C LYS A 104 -4.76 12.38 2.13
N VAL A 105 -3.56 12.94 2.16
CA VAL A 105 -3.34 14.33 1.75
C VAL A 105 -2.72 14.36 0.36
N GLU A 106 -3.53 14.73 -0.64
CA GLU A 106 -3.08 14.68 -2.02
C GLU A 106 -2.72 16.06 -2.57
N VAL A 107 -1.78 16.09 -3.49
CA VAL A 107 -1.43 17.30 -4.21
C VAL A 107 -2.54 17.66 -5.18
N LYS A 108 -3.00 18.91 -5.12
CA LYS A 108 -4.06 19.38 -6.01
C LYS A 108 -3.45 20.01 -7.24
N ARG A 109 -3.83 19.49 -8.42
CA ARG A 109 -3.43 20.08 -9.69
C ARG A 109 -4.65 20.32 -10.58
N THR A 110 -4.41 20.81 -11.79
CA THR A 110 -5.49 21.01 -12.76
C THR A 110 -5.96 19.68 -13.32
N VAL A 111 -7.28 19.52 -13.42
CA VAL A 111 -7.88 18.30 -13.94
C VAL A 111 -7.22 17.87 -15.25
N ALA A 112 -7.03 16.57 -15.40
CA ALA A 112 -6.46 15.99 -16.61
C ALA A 112 -7.22 14.74 -17.00
N ALA A 113 -7.65 14.68 -18.25
CA ALA A 113 -8.38 13.52 -18.75
C ALA A 113 -7.42 12.38 -19.07
N PRO A 114 -7.85 11.14 -18.82
CA PRO A 114 -6.99 9.97 -19.05
C PRO A 114 -6.63 9.78 -20.51
N SER A 115 -5.37 9.50 -20.78
CA SER A 115 -4.94 9.07 -22.11
C SER A 115 -5.14 7.57 -22.22
N VAL A 116 -6.15 7.14 -22.97
CA VAL A 116 -6.54 5.74 -23.03
C VAL A 116 -5.82 4.96 -24.13
N PHE A 117 -5.09 3.92 -23.73
CA PHE A 117 -4.43 3.02 -24.67
C PHE A 117 -4.99 1.62 -24.51
N ILE A 118 -4.99 0.84 -25.58
CA ILE A 118 -5.56 -0.50 -25.50
C ILE A 118 -4.63 -1.56 -26.12
N PHE A 119 -4.46 -2.67 -25.39
CA PHE A 119 -3.59 -3.74 -25.84
C PHE A 119 -4.34 -5.05 -25.94
N PRO A 120 -4.24 -5.71 -27.10
CA PRO A 120 -4.85 -7.02 -27.38
C PRO A 120 -4.01 -8.12 -26.74
N PRO A 121 -4.61 -9.30 -26.52
CA PRO A 121 -3.89 -10.42 -25.92
C PRO A 121 -2.74 -10.87 -26.80
N SER A 122 -1.58 -11.08 -26.21
CA SER A 122 -0.40 -11.50 -26.97
C SER A 122 -0.60 -12.92 -27.48
N ASP A 123 0.03 -13.23 -28.61
CA ASP A 123 -0.03 -14.58 -29.15
C ASP A 123 0.58 -15.55 -28.13
N GLU A 124 1.69 -15.13 -27.52
N GLU A 124 1.70 -15.15 -27.55
CA GLU A 124 2.35 -15.93 -26.50
CA GLU A 124 2.34 -15.92 -26.49
C GLU A 124 1.36 -16.40 -25.44
C GLU A 124 1.28 -16.44 -25.53
N GLN A 125 0.36 -15.57 -25.15
CA GLN A 125 -0.64 -15.87 -24.13
C GLN A 125 -1.75 -16.75 -24.68
N LEU A 126 -2.16 -16.47 -25.91
CA LEU A 126 -3.22 -17.25 -26.55
C LEU A 126 -2.79 -18.70 -26.71
N LYS A 127 -1.50 -18.91 -26.92
CA LYS A 127 -0.93 -20.25 -26.99
C LYS A 127 -1.15 -20.99 -25.67
N SER A 128 -1.43 -20.24 -24.61
CA SER A 128 -1.69 -20.81 -23.30
C SER A 128 -3.17 -21.14 -23.11
N GLY A 129 -4.02 -20.55 -23.94
CA GLY A 129 -5.44 -20.81 -23.88
C GLY A 129 -6.20 -19.82 -23.01
N THR A 130 -5.58 -18.68 -22.76
CA THR A 130 -6.23 -17.63 -21.99
C THR A 130 -5.87 -16.27 -22.60
N ALA A 131 -6.86 -15.37 -22.65
CA ALA A 131 -6.67 -14.07 -23.26
C ALA A 131 -6.82 -12.96 -22.23
N SER A 132 -6.09 -11.87 -22.43
CA SER A 132 -6.17 -10.72 -21.53
C SER A 132 -6.02 -9.42 -22.32
N VAL A 133 -7.11 -8.69 -22.44
CA VAL A 133 -7.09 -7.36 -23.05
C VAL A 133 -6.87 -6.31 -21.98
N VAL A 134 -5.90 -5.43 -22.20
CA VAL A 134 -5.57 -4.41 -21.21
C VAL A 134 -5.97 -3.02 -21.68
N CYS A 135 -6.56 -2.25 -20.78
CA CYS A 135 -6.96 -0.88 -21.07
C CYS A 135 -6.29 0.06 -20.09
N LEU A 136 -5.37 0.87 -20.60
CA LEU A 136 -4.60 1.80 -19.76
C LEU A 136 -5.15 3.23 -19.80
N LEU A 137 -5.59 3.70 -18.64
CA LEU A 137 -5.95 5.10 -18.46
C LEU A 137 -4.77 5.85 -17.87
N ASN A 138 -4.03 6.54 -18.73
CA ASN A 138 -2.74 7.09 -18.33
C ASN A 138 -2.71 8.60 -18.05
N ASN A 139 -2.22 8.95 -16.87
CA ASN A 139 -1.96 10.35 -16.51
C ASN A 139 -3.19 11.25 -16.40
N PHE A 140 -4.08 10.92 -15.48
CA PHE A 140 -5.30 11.69 -15.31
C PHE A 140 -5.46 12.19 -13.88
N TYR A 141 -6.35 13.16 -13.70
CA TYR A 141 -6.64 13.73 -12.39
C TYR A 141 -8.06 14.29 -12.43
N PRO A 142 -8.87 14.04 -11.37
CA PRO A 142 -8.56 13.26 -10.16
C PRO A 142 -8.46 11.77 -10.42
N ARG A 143 -8.44 10.98 -9.35
CA ARG A 143 -8.23 9.54 -9.46
C ARG A 143 -9.53 8.77 -9.74
N GLU A 144 -10.67 9.44 -9.56
CA GLU A 144 -11.96 8.79 -9.80
C GLU A 144 -12.25 8.67 -11.29
N ALA A 145 -12.13 7.45 -11.82
CA ALA A 145 -12.42 7.17 -13.22
C ALA A 145 -13.30 5.94 -13.35
N LYS A 146 -14.20 5.96 -14.33
N LYS A 146 -14.20 5.97 -14.32
CA LYS A 146 -15.11 4.84 -14.54
CA LYS A 146 -15.09 4.84 -14.55
C LYS A 146 -14.80 4.11 -15.83
C LYS A 146 -14.72 4.13 -15.83
N VAL A 147 -14.40 2.83 -15.71
CA VAL A 147 -14.06 2.04 -16.88
C VAL A 147 -15.13 1.02 -17.18
N GLN A 148 -15.42 0.82 -18.45
CA GLN A 148 -16.44 -0.16 -18.84
C GLN A 148 -15.97 -0.96 -20.05
N TRP A 149 -16.05 -2.28 -19.93
CA TRP A 149 -15.66 -3.16 -21.02
C TRP A 149 -16.86 -3.53 -21.88
N LYS A 150 -16.64 -3.57 -23.18
CA LYS A 150 -17.71 -3.80 -24.15
C LYS A 150 -17.19 -4.69 -25.29
N VAL A 151 -17.72 -5.90 -25.35
CA VAL A 151 -17.35 -6.86 -26.38
C VAL A 151 -18.48 -7.06 -27.36
N ASP A 152 -18.25 -6.74 -28.63
CA ASP A 152 -19.32 -6.76 -29.63
C ASP A 152 -20.55 -6.04 -29.09
N ASN A 153 -20.32 -4.88 -28.46
CA ASN A 153 -21.38 -4.05 -27.90
C ASN A 153 -22.02 -4.62 -26.63
N ALA A 154 -21.66 -5.86 -26.30
CA ALA A 154 -22.15 -6.48 -25.08
C ALA A 154 -21.41 -5.92 -23.87
N LEU A 155 -22.17 -5.42 -22.90
CA LEU A 155 -21.57 -4.89 -21.67
C LEU A 155 -21.04 -6.05 -20.82
N GLN A 156 -20.08 -5.76 -19.95
CA GLN A 156 -19.35 -6.83 -19.26
C GLN A 156 -19.60 -6.93 -17.76
N SER A 157 -19.63 -8.17 -17.27
CA SER A 157 -19.86 -8.46 -15.86
C SER A 157 -18.65 -9.13 -15.19
N GLY A 158 -18.19 -8.53 -14.09
CA GLY A 158 -17.12 -9.06 -13.27
C GLY A 158 -16.19 -10.08 -13.92
N ASN A 159 -15.57 -9.68 -15.02
CA ASN A 159 -14.51 -10.48 -15.63
C ASN A 159 -13.34 -9.57 -15.96
N SER A 160 -13.27 -8.46 -15.23
CA SER A 160 -12.22 -7.46 -15.41
C SER A 160 -11.80 -6.91 -14.06
N GLN A 161 -10.54 -6.49 -13.96
CA GLN A 161 -10.04 -5.93 -12.71
C GLN A 161 -9.19 -4.70 -12.99
N GLU A 162 -9.26 -3.71 -12.11
CA GLU A 162 -8.48 -2.50 -12.31
C GLU A 162 -7.56 -2.16 -11.14
N SER A 163 -6.39 -1.62 -11.48
CA SER A 163 -5.43 -1.20 -10.48
C SER A 163 -5.07 0.26 -10.71
N VAL A 164 -4.84 1.00 -9.64
CA VAL A 164 -4.49 2.41 -9.72
C VAL A 164 -3.19 2.71 -9.01
N THR A 165 -2.29 3.38 -9.71
CA THR A 165 -1.03 3.80 -9.13
C THR A 165 -1.30 4.81 -8.02
N GLU A 166 -0.26 5.14 -7.26
CA GLU A 166 -0.36 6.24 -6.31
C GLU A 166 -0.05 7.52 -7.07
N GLN A 167 -0.48 8.65 -6.52
CA GLN A 167 -0.21 9.92 -7.17
C GLN A 167 1.26 10.04 -7.54
N ASP A 168 1.53 10.69 -8.67
CA ASP A 168 2.88 10.76 -9.20
C ASP A 168 3.72 11.84 -8.51
N SER A 169 4.88 11.43 -8.00
CA SER A 169 5.80 12.33 -7.33
C SER A 169 6.23 13.50 -8.21
N LYS A 170 6.21 13.31 -9.52
CA LYS A 170 6.72 14.32 -10.45
C LYS A 170 5.64 15.25 -11.04
N ASP A 171 4.52 14.69 -11.48
CA ASP A 171 3.48 15.50 -12.11
C ASP A 171 2.11 15.36 -11.44
N SER A 172 2.05 14.59 -10.36
CA SER A 172 0.85 14.53 -9.53
C SER A 172 -0.39 13.96 -10.21
N THR A 173 -0.18 13.11 -11.21
CA THR A 173 -1.29 12.44 -11.87
C THR A 173 -1.44 10.99 -11.41
N TYR A 174 -2.56 10.38 -11.76
CA TYR A 174 -2.80 8.98 -11.47
C TYR A 174 -2.87 8.20 -12.77
N SER A 175 -2.53 6.92 -12.73
CA SER A 175 -2.73 6.04 -13.87
C SER A 175 -3.48 4.79 -13.43
N LEU A 176 -4.29 4.25 -14.33
CA LEU A 176 -5.12 3.10 -14.03
C LEU A 176 -5.07 2.05 -15.15
N SER A 177 -5.24 0.79 -14.78
CA SER A 177 -5.24 -0.29 -15.76
C SER A 177 -6.41 -1.22 -15.52
N SER A 178 -7.16 -1.53 -16.57
CA SER A 178 -8.29 -2.44 -16.48
C SER A 178 -8.08 -3.64 -17.40
N THR A 179 -7.94 -4.82 -16.79
CA THR A 179 -7.73 -6.05 -17.53
C THR A 179 -9.00 -6.88 -17.65
N LEU A 180 -9.36 -7.20 -18.88
CA LEU A 180 -10.44 -8.12 -19.18
C LEU A 180 -9.84 -9.48 -19.51
N THR A 181 -10.35 -10.52 -18.85
CA THR A 181 -9.79 -11.86 -19.03
C THR A 181 -10.81 -12.81 -19.66
N LEU A 182 -10.35 -13.57 -20.65
CA LEU A 182 -11.22 -14.50 -21.37
C LEU A 182 -10.52 -15.84 -21.58
N SER A 183 -11.27 -16.81 -22.10
CA SER A 183 -10.70 -18.04 -22.58
C SER A 183 -10.41 -17.86 -24.06
N LYS A 184 -9.40 -18.55 -24.58
CA LYS A 184 -9.01 -18.40 -25.99
C LYS A 184 -10.25 -18.16 -26.84
N ALA A 185 -11.15 -19.14 -26.84
CA ALA A 185 -12.55 -18.89 -27.13
C ALA A 185 -13.18 -18.97 -25.74
N ASP A 186 -14.08 -18.06 -25.40
CA ASP A 186 -14.81 -17.23 -26.35
C ASP A 186 -14.14 -15.94 -26.84
N TYR A 187 -12.85 -15.75 -26.59
CA TYR A 187 -12.20 -14.59 -27.17
C TYR A 187 -12.19 -14.71 -28.70
N GLU A 188 -12.17 -15.95 -29.18
CA GLU A 188 -12.13 -16.21 -30.61
C GLU A 188 -13.51 -16.30 -31.27
N LYS A 189 -14.56 -16.22 -30.46
CA LYS A 189 -15.92 -16.16 -31.00
C LYS A 189 -16.57 -14.81 -30.71
N HIS A 190 -15.79 -13.76 -30.83
CA HIS A 190 -16.26 -12.38 -30.74
C HIS A 190 -15.34 -11.49 -31.59
N LYS A 191 -15.91 -10.46 -32.21
CA LYS A 191 -15.16 -9.62 -33.14
C LYS A 191 -14.44 -8.45 -32.47
N VAL A 192 -15.19 -7.38 -32.20
CA VAL A 192 -14.61 -6.14 -31.69
C VAL A 192 -14.51 -6.13 -30.17
N TYR A 193 -13.48 -5.44 -29.69
CA TYR A 193 -13.26 -5.28 -28.26
C TYR A 193 -12.98 -3.82 -27.95
N ALA A 194 -13.73 -3.25 -27.01
CA ALA A 194 -13.55 -1.85 -26.67
C ALA A 194 -13.71 -1.57 -25.18
N CYS A 195 -13.07 -0.52 -24.70
CA CYS A 195 -13.29 -0.04 -23.34
C CYS A 195 -13.64 1.44 -23.40
N GLU A 196 -14.71 1.81 -22.71
CA GLU A 196 -15.12 3.21 -22.64
C GLU A 196 -14.89 3.78 -21.24
N VAL A 197 -14.51 5.05 -21.19
CA VAL A 197 -14.08 5.67 -19.95
C VAL A 197 -14.85 6.96 -19.65
N THR A 198 -15.24 7.11 -18.39
CA THR A 198 -15.90 8.32 -17.93
C THR A 198 -15.05 9.00 -16.86
N HIS A 199 -14.71 10.26 -17.10
CA HIS A 199 -13.88 11.01 -16.17
C HIS A 199 -14.39 12.43 -16.05
N GLN A 200 -14.18 13.04 -14.90
CA GLN A 200 -14.62 14.41 -14.65
C GLN A 200 -13.95 15.40 -15.59
N GLY A 201 -13.00 14.92 -16.38
CA GLY A 201 -12.26 15.77 -17.30
C GLY A 201 -12.77 15.68 -18.72
N LEU A 202 -13.78 14.85 -18.92
CA LEU A 202 -14.38 14.65 -20.24
C LEU A 202 -15.87 14.93 -20.22
N SER A 203 -16.38 15.52 -21.30
CA SER A 203 -17.81 15.73 -21.43
C SER A 203 -18.48 14.46 -21.95
N SER A 204 -17.81 13.81 -22.89
CA SER A 204 -18.28 12.53 -23.42
C SER A 204 -17.30 11.42 -23.09
N PRO A 205 -17.80 10.20 -22.90
CA PRO A 205 -16.91 9.06 -22.63
C PRO A 205 -15.90 8.88 -23.77
N VAL A 206 -14.75 8.31 -23.45
CA VAL A 206 -13.76 7.98 -24.47
C VAL A 206 -13.72 6.48 -24.66
N THR A 207 -13.84 6.05 -25.91
CA THR A 207 -13.90 4.62 -26.22
C THR A 207 -12.74 4.19 -27.09
N LYS A 208 -11.90 3.33 -26.55
CA LYS A 208 -10.83 2.73 -27.34
C LYS A 208 -11.25 1.36 -27.82
N SER A 209 -11.08 1.11 -29.11
CA SER A 209 -11.58 -0.12 -29.72
C SER A 209 -10.56 -0.74 -30.65
N PHE A 210 -10.63 -2.06 -30.78
CA PHE A 210 -9.83 -2.77 -31.77
C PHE A 210 -10.57 -4.01 -32.27
N ASN A 211 -10.25 -4.43 -33.48
CA ASN A 211 -10.83 -5.63 -34.06
C ASN A 211 -9.74 -6.65 -34.38
N ARG A 212 -9.97 -7.88 -33.95
CA ARG A 212 -8.98 -8.95 -34.09
C ARG A 212 -8.38 -8.99 -35.50
N GLY A 213 -7.16 -8.47 -35.62
CA GLY A 213 -6.48 -8.36 -36.91
C GLY A 213 -5.25 -7.46 -36.85
N GLU A 214 -5.49 -6.15 -36.91
CA GLU A 214 -4.42 -5.16 -36.77
C GLU A 214 -4.17 -4.92 -35.28
N CYS A 215 -2.96 -4.55 -34.86
CA CYS A 215 -1.76 -4.24 -35.67
C CYS A 215 -1.61 -2.74 -35.98
N GLN B 1 20.34 5.36 19.43
CA GLN B 1 19.89 4.50 18.34
C GLN B 1 18.45 4.04 18.52
N VAL B 2 18.29 2.94 19.24
CA VAL B 2 17.00 2.26 19.38
C VAL B 2 16.53 1.77 18.02
N GLN B 3 17.08 0.65 17.58
CA GLN B 3 16.74 0.07 16.28
C GLN B 3 15.92 -1.20 16.47
N LEU B 4 14.84 -1.32 15.72
CA LEU B 4 13.99 -2.51 15.75
C LEU B 4 14.08 -3.27 14.43
N VAL B 5 14.46 -4.54 14.51
CA VAL B 5 14.66 -5.32 13.30
C VAL B 5 13.81 -6.57 13.30
N GLN B 6 12.92 -6.69 12.32
CA GLN B 6 12.00 -7.82 12.26
C GLN B 6 12.54 -8.94 11.38
N SER B 7 11.95 -10.13 11.52
CA SER B 7 12.34 -11.29 10.73
C SER B 7 11.87 -11.17 9.27
N GLY B 8 12.39 -12.04 8.42
CA GLY B 8 12.04 -12.02 7.01
C GLY B 8 10.57 -12.35 6.78
N ALA B 9 10.11 -12.09 5.55
CA ALA B 9 8.73 -12.35 5.18
C ALA B 9 8.36 -13.81 5.39
N GLU B 10 7.06 -14.09 5.43
CA GLU B 10 6.58 -15.44 5.68
C GLU B 10 5.40 -15.80 4.79
N VAL B 11 5.35 -17.06 4.36
CA VAL B 11 4.19 -17.56 3.63
C VAL B 11 3.62 -18.76 4.36
N LYS B 12 2.58 -18.54 5.16
CA LYS B 12 1.94 -19.61 5.92
C LYS B 12 0.68 -20.08 5.23
N ARG B 13 0.07 -21.13 5.78
CA ARG B 13 -1.11 -21.72 5.19
C ARG B 13 -2.31 -21.56 6.11
N PRO B 14 -3.52 -21.45 5.52
CA PRO B 14 -4.74 -21.36 6.32
C PRO B 14 -4.81 -22.46 7.38
N GLY B 15 -4.90 -22.07 8.64
CA GLY B 15 -4.95 -23.02 9.74
C GLY B 15 -3.63 -23.06 10.50
N SER B 16 -2.58 -22.67 9.79
CA SER B 16 -1.23 -22.69 10.35
C SER B 16 -1.05 -21.66 11.47
N SER B 17 0.18 -21.55 11.96
CA SER B 17 0.51 -20.61 13.01
C SER B 17 1.83 -19.95 12.64
N VAL B 18 1.91 -18.64 12.76
CA VAL B 18 3.12 -17.93 12.40
C VAL B 18 3.71 -17.23 13.62
N THR B 19 5.04 -17.18 13.66
CA THR B 19 5.73 -16.48 14.73
C THR B 19 6.73 -15.49 14.15
N VAL B 20 6.53 -14.21 14.47
CA VAL B 20 7.39 -13.13 13.99
C VAL B 20 8.20 -12.55 15.14
N SER B 21 9.42 -12.12 14.84
CA SER B 21 10.30 -11.62 15.88
C SER B 21 10.72 -10.17 15.65
N CYS B 22 11.11 -9.51 16.73
CA CYS B 22 11.53 -8.12 16.69
C CYS B 22 12.76 -7.94 17.58
N LYS B 23 13.80 -7.34 17.03
CA LYS B 23 15.04 -7.19 17.76
C LYS B 23 15.35 -5.73 18.08
N ALA B 24 15.34 -5.41 19.36
CA ALA B 24 15.63 -4.06 19.83
C ALA B 24 17.10 -3.90 20.16
N SER B 25 17.71 -2.81 19.70
CA SER B 25 19.13 -2.57 19.95
C SER B 25 19.47 -1.10 19.99
N GLY B 26 19.88 -0.62 21.16
CA GLY B 26 20.27 0.78 21.31
C GLY B 26 19.41 1.51 22.32
N GLY B 27 18.85 0.77 23.27
CA GLY B 27 18.01 1.37 24.29
C GLY B 27 17.45 0.31 25.23
N SER B 28 16.94 0.76 26.37
CA SER B 28 16.40 -0.17 27.36
C SER B 28 15.25 -0.99 26.79
N PHE B 29 15.19 -2.26 27.15
CA PHE B 29 14.22 -3.18 26.57
C PHE B 29 13.16 -3.63 27.57
N SER B 30 13.61 -4.08 28.73
CA SER B 30 12.73 -4.73 29.70
C SER B 30 11.66 -3.80 30.29
N THR B 31 11.93 -2.51 30.26
CA THR B 31 11.08 -1.55 30.97
C THR B 31 10.17 -0.71 30.07
N TYR B 32 10.19 -0.97 28.77
CA TYR B 32 9.37 -0.21 27.84
C TYR B 32 8.37 -1.05 27.06
N ALA B 33 7.18 -0.52 26.87
CA ALA B 33 6.09 -1.25 26.22
C ALA B 33 6.39 -1.52 24.74
N LEU B 34 6.06 -2.73 24.31
CA LEU B 34 6.30 -3.14 22.94
C LEU B 34 5.03 -3.72 22.33
N SER B 35 4.52 -3.07 21.29
CA SER B 35 3.25 -3.46 20.68
C SER B 35 3.43 -3.95 19.24
N TRP B 36 2.45 -4.71 18.76
CA TRP B 36 2.44 -5.19 17.39
C TRP B 36 1.23 -4.58 16.65
N VAL B 37 1.49 -4.04 15.47
CA VAL B 37 0.45 -3.35 14.72
C VAL B 37 0.51 -3.74 13.25
N ARG B 38 -0.53 -4.38 12.75
CA ARG B 38 -0.52 -4.86 11.36
C ARG B 38 -1.27 -3.93 10.42
N GLN B 39 -1.14 -4.19 9.13
CA GLN B 39 -1.80 -3.39 8.12
C GLN B 39 -2.12 -4.25 6.91
N ALA B 40 -3.42 -4.49 6.71
CA ALA B 40 -3.88 -5.34 5.61
C ALA B 40 -3.67 -4.67 4.25
N PRO B 41 -3.65 -5.46 3.18
CA PRO B 41 -3.41 -4.93 1.83
C PRO B 41 -4.36 -3.78 1.47
N GLY B 42 -3.81 -2.59 1.33
CA GLY B 42 -4.58 -1.43 0.93
C GLY B 42 -5.54 -0.94 2.00
N ARG B 43 -5.15 -1.08 3.26
CA ARG B 43 -6.00 -0.66 4.38
C ARG B 43 -5.18 0.07 5.45
N GLY B 44 -5.84 0.42 6.54
CA GLY B 44 -5.21 1.17 7.61
C GLY B 44 -4.50 0.31 8.64
N LEU B 45 -4.14 0.94 9.75
CA LEU B 45 -3.40 0.26 10.80
C LEU B 45 -4.34 -0.33 11.85
N GLU B 46 -4.05 -1.56 12.25
CA GLU B 46 -4.79 -2.21 13.32
C GLU B 46 -3.85 -2.64 14.44
N TRP B 47 -4.12 -2.18 15.65
CA TRP B 47 -3.31 -2.52 16.81
C TRP B 47 -3.76 -3.85 17.39
N MET B 48 -2.82 -4.78 17.56
CA MET B 48 -3.16 -6.15 17.93
C MET B 48 -2.94 -6.43 19.41
N GLY B 49 -1.93 -5.79 19.97
CA GLY B 49 -1.60 -6.00 21.38
C GLY B 49 -0.20 -5.52 21.70
N GLY B 50 0.23 -5.78 22.92
CA GLY B 50 1.55 -5.37 23.34
C GLY B 50 2.05 -6.19 24.50
N VAL B 51 3.14 -5.74 25.11
CA VAL B 51 3.74 -6.45 26.22
C VAL B 51 4.84 -5.59 26.85
N ILE B 52 4.88 -5.58 28.17
CA ILE B 52 5.96 -4.95 28.90
C ILE B 52 6.89 -6.05 29.39
N PRO B 53 8.03 -6.20 28.71
CA PRO B 53 8.99 -7.30 28.88
C PRO B 53 9.31 -7.66 30.32
N LEU B 54 9.29 -6.67 31.22
CA LEU B 54 9.64 -6.90 32.61
C LEU B 54 8.92 -8.10 33.24
N LEU B 55 7.66 -7.91 33.60
CA LEU B 55 6.88 -9.00 34.20
C LEU B 55 6.02 -9.70 33.14
N THR B 56 6.36 -9.46 31.88
CA THR B 56 5.60 -10.01 30.77
C THR B 56 4.14 -9.59 30.88
N ILE B 57 3.93 -8.30 31.15
CA ILE B 57 2.60 -7.74 31.26
C ILE B 57 2.02 -7.62 29.85
N THR B 58 1.06 -8.48 29.54
CA THR B 58 0.51 -8.55 28.20
C THR B 58 -0.83 -7.85 28.06
N ASN B 59 -1.04 -7.23 26.91
CA ASN B 59 -2.30 -6.58 26.60
C ASN B 59 -2.79 -6.99 25.21
N TYR B 60 -3.79 -7.86 25.18
CA TYR B 60 -4.30 -8.38 23.91
C TYR B 60 -5.60 -7.69 23.48
N ALA B 61 -5.80 -7.60 22.17
CA ALA B 61 -7.01 -7.02 21.62
C ALA B 61 -8.07 -8.12 21.47
N PRO B 62 -9.29 -7.84 21.93
CA PRO B 62 -10.41 -8.79 21.90
C PRO B 62 -10.53 -9.53 20.57
N ARG B 63 -10.47 -8.79 19.46
CA ARG B 63 -10.60 -9.38 18.13
C ARG B 63 -9.65 -10.55 17.92
N PHE B 64 -8.57 -10.58 18.69
CA PHE B 64 -7.53 -11.59 18.53
C PHE B 64 -7.40 -12.55 19.70
N GLN B 65 -7.86 -12.11 20.87
CA GLN B 65 -7.70 -12.89 22.10
C GLN B 65 -8.03 -14.36 21.93
N GLY B 66 -7.27 -15.21 22.61
CA GLY B 66 -7.42 -16.64 22.49
C GLY B 66 -7.08 -17.10 21.08
N ARG B 67 -5.91 -16.69 20.62
CA ARG B 67 -5.49 -16.94 19.25
C ARG B 67 -4.13 -16.31 18.99
N ILE B 68 -3.73 -15.41 19.89
CA ILE B 68 -2.48 -14.69 19.74
C ILE B 68 -1.69 -14.68 21.05
N THR B 69 -0.36 -14.76 20.93
CA THR B 69 0.50 -14.64 22.09
C THR B 69 1.66 -13.70 21.79
N ILE B 70 2.06 -12.92 22.78
CA ILE B 70 3.16 -11.97 22.61
C ILE B 70 4.18 -12.16 23.72
N THR B 71 5.45 -12.30 23.33
CA THR B 71 6.51 -12.72 24.24
C THR B 71 7.69 -11.77 24.23
N ALA B 72 8.45 -11.76 25.32
CA ALA B 72 9.70 -11.03 25.39
C ALA B 72 10.81 -11.96 25.89
N ASP B 73 12.02 -11.75 25.37
CA ASP B 73 13.19 -12.53 25.75
C ASP B 73 14.23 -11.56 26.26
N ARG B 74 14.07 -11.13 27.51
CA ARG B 74 14.93 -10.11 28.10
C ARG B 74 16.41 -10.42 27.91
N SER B 75 16.74 -11.71 27.98
CA SER B 75 18.14 -12.14 27.85
C SER B 75 18.67 -11.92 26.43
N THR B 76 17.78 -11.63 25.49
CA THR B 76 18.17 -11.42 24.10
C THR B 76 17.52 -10.18 23.49
N SER B 77 16.83 -9.39 24.31
CA SER B 77 16.16 -8.19 23.85
C SER B 77 15.37 -8.42 22.57
N THR B 78 14.45 -9.37 22.60
CA THR B 78 13.67 -9.73 21.42
C THR B 78 12.21 -9.93 21.79
N ALA B 79 11.31 -9.65 20.84
CA ALA B 79 9.88 -9.82 21.06
C ALA B 79 9.29 -10.77 20.03
N TYR B 80 8.22 -11.46 20.41
CA TYR B 80 7.63 -12.46 19.53
C TYR B 80 6.13 -12.33 19.44
N LEU B 81 5.62 -12.27 18.21
CA LEU B 81 4.19 -12.29 17.97
C LEU B 81 3.82 -13.63 17.32
N GLU B 82 3.06 -14.45 18.03
CA GLU B 82 2.61 -15.70 17.46
C GLU B 82 1.11 -15.67 17.28
N LEU B 83 0.67 -16.05 16.09
CA LEU B 83 -0.73 -15.99 15.71
C LEU B 83 -1.11 -17.26 14.97
N ASN B 84 -2.09 -17.98 15.50
CA ASN B 84 -2.55 -19.21 14.86
C ASN B 84 -3.94 -19.06 14.25
N SER B 85 -4.48 -20.17 13.76
CA SER B 85 -5.76 -20.15 13.07
C SER B 85 -5.70 -19.12 11.95
N LEU B 86 -4.59 -19.13 11.23
CA LEU B 86 -4.35 -18.16 10.17
C LEU B 86 -5.39 -18.25 9.05
N ARG B 87 -6.01 -17.12 8.74
CA ARG B 87 -6.95 -17.05 7.62
C ARG B 87 -6.42 -16.06 6.59
N PRO B 88 -6.85 -16.20 5.33
CA PRO B 88 -6.36 -15.32 4.26
C PRO B 88 -6.52 -13.84 4.62
N GLU B 89 -7.51 -13.54 5.46
CA GLU B 89 -7.76 -12.18 5.90
C GLU B 89 -6.56 -11.61 6.65
N ASP B 90 -5.86 -12.49 7.37
CA ASP B 90 -4.70 -12.09 8.15
C ASP B 90 -3.51 -11.73 7.26
N THR B 91 -3.65 -11.89 5.96
CA THR B 91 -2.62 -11.46 5.03
C THR B 91 -2.42 -9.97 5.22
N ALA B 92 -1.29 -9.59 5.79
CA ALA B 92 -1.01 -8.18 6.07
C ALA B 92 0.48 -7.95 6.35
N VAL B 93 0.85 -6.70 6.62
CA VAL B 93 2.20 -6.38 7.06
C VAL B 93 2.21 -6.12 8.55
N TYR B 94 2.94 -6.97 9.28
CA TYR B 94 2.99 -6.89 10.72
C TYR B 94 4.17 -6.04 11.22
N TYR B 95 3.86 -5.04 12.04
CA TYR B 95 4.85 -4.07 12.51
C TYR B 95 5.17 -4.22 13.99
N CYS B 96 6.45 -4.07 14.30
CA CYS B 96 6.91 -4.05 15.68
C CYS B 96 7.09 -2.59 16.08
N ALA B 97 6.44 -2.17 17.15
CA ALA B 97 6.47 -0.77 17.57
C ALA B 97 6.83 -0.60 19.04
N ARG B 98 7.85 0.21 19.31
CA ARG B 98 8.24 0.51 20.67
C ARG B 98 7.91 1.95 21.00
N GLU B 99 7.34 2.17 22.19
CA GLU B 99 6.93 3.50 22.59
C GLU B 99 8.13 4.41 22.79
N GLY B 100 7.92 5.71 22.63
CA GLY B 100 8.99 6.67 22.78
C GLY B 100 9.19 7.11 24.22
N THR B 101 10.29 7.81 24.48
CA THR B 101 10.56 8.34 25.80
C THR B 101 10.77 9.84 25.77
N THR B 102 10.37 10.51 26.84
CA THR B 102 10.52 11.95 26.94
C THR B 102 11.93 12.42 26.64
N GLY B 103 12.04 13.41 25.77
CA GLY B 103 13.32 13.98 25.40
C GLY B 103 14.35 12.93 25.09
N TRP B 104 14.63 12.72 23.81
CA TRP B 104 15.65 11.77 23.42
C TRP B 104 17.02 12.26 23.87
N GLY B 105 17.11 12.62 25.14
CA GLY B 105 18.36 13.06 25.72
C GLY B 105 18.88 12.25 26.90
N TRP B 106 18.64 10.93 26.93
CA TRP B 106 17.96 10.19 25.88
C TRP B 106 16.88 9.25 26.46
N LEU B 107 17.11 7.95 26.38
CA LEU B 107 16.16 6.95 26.84
C LEU B 107 15.79 7.10 28.32
N GLY B 108 14.53 7.45 28.58
CA GLY B 108 14.04 7.58 29.94
C GLY B 108 12.70 8.33 30.00
N LYS B 109 11.66 7.62 30.41
CA LYS B 109 10.29 8.15 30.59
C LYS B 109 9.34 7.83 29.42
N PRO B 110 8.43 6.88 29.63
CA PRO B 110 7.50 6.39 28.60
C PRO B 110 6.47 7.44 28.20
N ILE B 111 5.93 7.33 26.99
CA ILE B 111 4.97 8.30 26.48
C ILE B 111 3.77 7.63 25.80
N GLY B 112 3.74 6.31 25.83
CA GLY B 112 2.63 5.56 25.28
C GLY B 112 2.69 5.40 23.77
N ALA B 113 2.73 6.52 23.06
CA ALA B 113 2.79 6.52 21.60
C ALA B 113 3.99 5.73 21.06
N PHE B 114 3.89 5.29 19.81
CA PHE B 114 4.91 4.46 19.18
C PHE B 114 5.89 5.29 18.39
N ALA B 115 7.05 5.58 18.98
CA ALA B 115 8.05 6.40 18.32
C ALA B 115 9.01 5.55 17.49
N HIS B 116 9.01 4.24 17.73
CA HIS B 116 9.94 3.36 17.03
C HIS B 116 9.23 2.21 16.32
N TRP B 117 9.73 1.87 15.14
CA TRP B 117 9.10 0.85 14.32
C TRP B 117 10.12 -0.09 13.68
N GLY B 118 9.68 -1.32 13.42
CA GLY B 118 10.46 -2.25 12.64
C GLY B 118 10.24 -1.93 11.18
N GLN B 119 10.97 -2.62 10.30
CA GLN B 119 10.84 -2.39 8.87
C GLN B 119 9.54 -2.98 8.34
N GLY B 120 8.84 -3.72 9.21
CA GLY B 120 7.62 -4.40 8.82
C GLY B 120 7.90 -5.78 8.29
N THR B 121 6.98 -6.71 8.52
CA THR B 121 7.15 -8.08 8.04
C THR B 121 5.93 -8.56 7.28
N LEU B 122 6.13 -8.90 6.01
CA LEU B 122 5.02 -9.38 5.17
C LEU B 122 4.67 -10.84 5.46
N VAL B 123 3.45 -11.06 5.93
CA VAL B 123 2.94 -12.42 6.13
C VAL B 123 1.76 -12.66 5.20
N THR B 124 1.92 -13.61 4.28
CA THR B 124 0.87 -13.97 3.36
C THR B 124 0.26 -15.31 3.71
N VAL B 125 -1.05 -15.33 3.92
CA VAL B 125 -1.74 -16.57 4.27
C VAL B 125 -2.68 -17.04 3.16
N SER B 126 -2.21 -17.96 2.33
CA SER B 126 -3.00 -18.49 1.22
C SER B 126 -2.86 -20.00 1.08
N SER B 127 -3.81 -20.62 0.40
CA SER B 127 -3.74 -22.04 0.12
C SER B 127 -3.07 -22.26 -1.24
N ALA B 128 -2.71 -21.16 -1.90
CA ALA B 128 -2.04 -21.23 -3.20
C ALA B 128 -0.59 -21.67 -3.05
N SER B 129 0.03 -21.98 -4.18
CA SER B 129 1.43 -22.42 -4.19
C SER B 129 2.33 -21.40 -4.87
N THR B 130 3.49 -21.16 -4.27
CA THR B 130 4.45 -20.21 -4.81
C THR B 130 4.75 -20.51 -6.28
N LYS B 131 4.70 -19.48 -7.11
CA LYS B 131 5.00 -19.63 -8.52
C LYS B 131 5.42 -18.31 -9.15
N GLY B 132 6.40 -18.36 -10.03
CA GLY B 132 6.82 -17.20 -10.78
C GLY B 132 5.74 -16.85 -11.80
N PRO B 133 5.79 -15.62 -12.32
CA PRO B 133 4.75 -15.15 -13.23
C PRO B 133 5.02 -15.48 -14.69
N SER B 134 3.94 -15.58 -15.47
CA SER B 134 4.03 -15.60 -16.91
C SER B 134 4.07 -14.16 -17.37
N VAL B 135 5.01 -13.81 -18.24
CA VAL B 135 5.19 -12.43 -18.64
C VAL B 135 4.85 -12.22 -20.11
N PHE B 136 3.73 -11.56 -20.39
CA PHE B 136 3.28 -11.38 -21.76
C PHE B 136 3.43 -9.93 -22.23
N PRO B 137 3.90 -9.74 -23.47
CA PRO B 137 4.15 -8.38 -23.97
C PRO B 137 2.87 -7.63 -24.33
N LEU B 138 2.74 -6.42 -23.80
CA LEU B 138 1.72 -5.49 -24.24
C LEU B 138 2.32 -4.69 -25.38
N ALA B 139 2.15 -5.19 -26.59
CA ALA B 139 2.84 -4.66 -27.76
C ALA B 139 2.27 -3.34 -28.24
N PRO B 140 3.15 -2.44 -28.68
CA PRO B 140 2.76 -1.16 -29.28
C PRO B 140 2.01 -1.39 -30.59
N SER B 141 0.78 -0.91 -30.67
CA SER B 141 -0.01 -1.06 -31.88
C SER B 141 -0.51 0.30 -32.35
N SER B 142 -1.40 0.29 -33.34
CA SER B 142 -2.01 1.52 -33.82
C SER B 142 -3.08 1.97 -32.85
N LYS B 143 -3.39 1.10 -31.89
CA LYS B 143 -4.41 1.39 -30.89
C LYS B 143 -3.78 1.78 -29.56
N SER B 144 -2.46 1.68 -29.51
CA SER B 144 -1.69 2.08 -28.32
C SER B 144 -0.82 3.27 -28.68
N THR B 145 -1.03 3.83 -29.87
CA THR B 145 -0.18 4.90 -30.37
C THR B 145 -1.04 6.12 -30.74
N SER B 146 -0.52 7.30 -30.44
CA SER B 146 -1.20 8.54 -30.79
C SER B 146 -0.23 9.69 -30.85
N GLY B 147 -0.29 10.48 -31.92
CA GLY B 147 0.63 11.58 -32.11
C GLY B 147 2.08 11.09 -32.03
N GLY B 148 2.87 11.76 -31.20
CA GLY B 148 4.27 11.42 -31.08
C GLY B 148 4.55 10.42 -29.96
N THR B 149 3.48 9.96 -29.30
CA THR B 149 3.61 9.07 -28.16
C THR B 149 3.06 7.67 -28.46
N ALA B 150 3.64 6.68 -27.81
CA ALA B 150 3.20 5.30 -27.95
C ALA B 150 3.38 4.56 -26.63
N ALA B 151 2.32 3.89 -26.18
CA ALA B 151 2.37 3.18 -24.91
C ALA B 151 2.64 1.69 -25.13
N LEU B 152 3.60 1.15 -24.38
CA LEU B 152 3.84 -0.29 -24.42
C LEU B 152 4.00 -0.83 -23.01
N GLY B 153 4.00 -2.14 -22.85
CA GLY B 153 4.17 -2.70 -21.53
C GLY B 153 4.35 -4.19 -21.45
N CYS B 154 4.13 -4.74 -20.25
CA CYS B 154 4.11 -6.18 -20.07
C CYS B 154 3.27 -6.58 -18.87
N LEU B 155 2.47 -7.62 -19.10
CA LEU B 155 1.58 -8.18 -18.11
C LEU B 155 2.29 -9.29 -17.37
N VAL B 156 2.52 -9.05 -16.09
CA VAL B 156 3.09 -10.04 -15.18
C VAL B 156 1.95 -10.77 -14.49
N LYS B 157 1.70 -12.00 -14.90
CA LYS B 157 0.44 -12.66 -14.57
C LYS B 157 0.60 -13.99 -13.84
N ASP B 158 -0.32 -14.25 -12.90
CA ASP B 158 -0.43 -15.54 -12.23
C ASP B 158 0.71 -15.91 -11.28
N TYR B 159 1.37 -14.90 -10.70
CA TYR B 159 2.45 -15.20 -9.76
C TYR B 159 1.97 -15.25 -8.33
N PHE B 160 2.87 -15.60 -7.43
CA PHE B 160 2.56 -15.72 -6.01
C PHE B 160 3.82 -16.14 -5.22
N PRO B 161 4.04 -15.52 -4.05
CA PRO B 161 3.21 -14.46 -3.49
C PRO B 161 3.74 -13.10 -3.89
N GLU B 162 3.36 -12.06 -3.15
CA GLU B 162 3.94 -10.74 -3.32
C GLU B 162 5.34 -10.75 -2.72
N PRO B 163 6.21 -9.84 -3.19
CA PRO B 163 5.94 -8.90 -4.28
C PRO B 163 6.76 -9.20 -5.53
N VAL B 164 6.42 -8.52 -6.62
CA VAL B 164 7.20 -8.55 -7.84
C VAL B 164 7.70 -7.15 -8.14
N THR B 165 8.90 -7.04 -8.70
CA THR B 165 9.44 -5.73 -9.04
C THR B 165 9.83 -5.69 -10.50
N VAL B 166 9.43 -4.63 -11.20
CA VAL B 166 9.71 -4.52 -12.62
C VAL B 166 10.64 -3.35 -12.93
N SER B 167 11.38 -3.47 -14.01
CA SER B 167 12.19 -2.36 -14.52
C SER B 167 12.25 -2.49 -16.04
N TRP B 168 12.66 -1.43 -16.73
CA TRP B 168 12.71 -1.47 -18.19
C TRP B 168 14.12 -1.21 -18.73
N ASN B 169 14.50 -1.99 -19.73
CA ASN B 169 15.82 -1.89 -20.32
C ASN B 169 16.94 -1.82 -19.29
N SER B 170 16.90 -2.71 -18.32
CA SER B 170 17.90 -2.78 -17.26
C SER B 170 17.97 -1.47 -16.47
N GLY B 171 16.83 -0.77 -16.41
CA GLY B 171 16.76 0.49 -15.67
C GLY B 171 17.06 1.68 -16.55
N ALA B 172 17.35 1.42 -17.82
CA ALA B 172 17.65 2.49 -18.77
C ALA B 172 16.40 3.13 -19.34
N LEU B 173 15.31 3.06 -18.58
CA LEU B 173 14.04 3.64 -18.98
C LEU B 173 13.24 3.90 -17.71
N THR B 174 13.27 5.15 -17.25
CA THR B 174 12.75 5.48 -15.95
C THR B 174 11.45 6.27 -15.99
N SER B 175 11.47 7.41 -16.67
CA SER B 175 10.30 8.28 -16.71
C SER B 175 9.31 7.82 -17.78
N GLY B 176 8.02 7.90 -17.44
CA GLY B 176 6.97 7.43 -18.32
C GLY B 176 6.51 6.05 -17.90
N VAL B 177 7.23 5.47 -16.95
CA VAL B 177 6.93 4.13 -16.47
C VAL B 177 5.95 4.16 -15.30
N HIS B 178 4.86 3.42 -15.44
CA HIS B 178 3.93 3.20 -14.36
C HIS B 178 3.76 1.71 -14.13
N THR B 179 4.06 1.29 -12.90
CA THR B 179 3.86 -0.10 -12.50
C THR B 179 2.75 -0.17 -11.47
N PHE B 180 1.67 -0.85 -11.83
CA PHE B 180 0.47 -0.85 -10.99
C PHE B 180 0.57 -1.82 -9.84
N PRO B 181 -0.07 -1.48 -8.71
CA PRO B 181 -0.19 -2.41 -7.59
C PRO B 181 -0.82 -3.71 -8.08
N ALA B 182 -0.38 -4.83 -7.52
CA ALA B 182 -0.92 -6.12 -7.93
C ALA B 182 -2.32 -6.30 -7.38
N VAL B 183 -3.14 -7.05 -8.12
CA VAL B 183 -4.49 -7.37 -7.67
C VAL B 183 -4.61 -8.88 -7.51
N LEU B 184 -5.40 -9.30 -6.51
CA LEU B 184 -5.56 -10.71 -6.24
C LEU B 184 -6.65 -11.29 -7.11
N GLN B 185 -6.27 -12.23 -7.97
CA GLN B 185 -7.24 -12.90 -8.83
C GLN B 185 -8.01 -13.96 -8.06
N SER B 186 -8.97 -14.58 -8.71
CA SER B 186 -9.81 -15.56 -8.04
C SER B 186 -9.04 -16.85 -7.75
N SER B 187 -8.19 -17.25 -8.68
CA SER B 187 -7.34 -18.42 -8.52
C SER B 187 -6.48 -18.32 -7.27
N GLY B 188 -6.41 -17.12 -6.70
CA GLY B 188 -5.61 -16.90 -5.51
C GLY B 188 -4.24 -16.37 -5.85
N LEU B 189 -3.98 -16.22 -7.15
CA LEU B 189 -2.71 -15.70 -7.63
C LEU B 189 -2.79 -14.20 -7.85
N TYR B 190 -1.64 -13.53 -7.82
CA TYR B 190 -1.58 -12.10 -8.10
C TYR B 190 -1.28 -11.84 -9.56
N SER B 191 -1.55 -10.63 -10.00
CA SER B 191 -1.20 -10.20 -11.35
C SER B 191 -1.16 -8.68 -11.43
N LEU B 192 -0.31 -8.17 -12.30
CA LEU B 192 -0.21 -6.73 -12.49
C LEU B 192 0.40 -6.39 -13.85
N SER B 193 0.49 -5.10 -14.16
CA SER B 193 1.01 -4.67 -15.45
C SER B 193 2.06 -3.60 -15.25
N SER B 194 2.99 -3.51 -16.19
CA SER B 194 3.97 -2.43 -16.17
C SER B 194 4.00 -1.76 -17.54
N VAL B 195 3.69 -0.48 -17.57
CA VAL B 195 3.61 0.22 -18.84
C VAL B 195 4.56 1.41 -18.87
N VAL B 196 4.79 1.92 -20.07
CA VAL B 196 5.62 3.11 -20.25
C VAL B 196 5.34 3.72 -21.61
N THR B 197 5.40 5.05 -21.65
CA THR B 197 5.15 5.81 -22.86
C THR B 197 6.49 6.19 -23.45
N VAL B 198 6.59 6.07 -24.76
CA VAL B 198 7.84 6.31 -25.47
C VAL B 198 7.57 7.03 -26.78
N PRO B 199 8.56 7.77 -27.30
CA PRO B 199 8.44 8.35 -28.64
C PRO B 199 8.15 7.26 -29.65
N SER B 200 7.22 7.50 -30.57
CA SER B 200 6.81 6.50 -31.54
C SER B 200 7.74 6.43 -32.75
N SER B 201 8.50 7.49 -32.98
CA SER B 201 9.47 7.52 -34.07
C SER B 201 10.63 6.59 -33.76
N SER B 202 10.69 6.13 -32.51
CA SER B 202 11.81 5.33 -32.04
C SER B 202 11.46 3.85 -31.88
N LEU B 203 10.26 3.48 -32.31
CA LEU B 203 9.80 2.11 -32.12
C LEU B 203 10.66 1.08 -32.85
N GLY B 204 10.85 1.30 -34.16
CA GLY B 204 11.68 0.41 -34.95
C GLY B 204 13.15 0.60 -34.66
N THR B 205 13.53 1.84 -34.36
CA THR B 205 14.93 2.18 -34.12
C THR B 205 15.35 1.91 -32.67
N GLN B 206 14.57 1.09 -31.98
CA GLN B 206 14.86 0.78 -30.58
C GLN B 206 14.29 -0.57 -30.20
N THR B 207 14.73 -1.09 -29.06
CA THR B 207 14.21 -2.35 -28.54
C THR B 207 13.86 -2.17 -27.07
N TYR B 208 12.65 -2.55 -26.70
CA TYR B 208 12.18 -2.39 -25.33
C TYR B 208 12.01 -3.73 -24.63
N ILE B 209 12.61 -3.86 -23.45
CA ILE B 209 12.60 -5.11 -22.70
C ILE B 209 12.23 -4.88 -21.24
N CYS B 210 11.23 -5.62 -20.75
CA CYS B 210 10.87 -5.51 -19.35
C CYS B 210 11.48 -6.63 -18.52
N ASN B 211 12.27 -6.22 -17.53
CA ASN B 211 12.89 -7.12 -16.59
C ASN B 211 12.02 -7.30 -15.37
N VAL B 212 11.56 -8.53 -15.15
CA VAL B 212 10.73 -8.87 -14.00
C VAL B 212 11.56 -9.59 -12.93
N ASN B 213 11.29 -9.28 -11.67
CA ASN B 213 12.00 -9.90 -10.57
C ASN B 213 11.04 -10.34 -9.46
N HIS B 214 10.82 -11.65 -9.37
CA HIS B 214 10.00 -12.21 -8.32
C HIS B 214 10.92 -13.01 -7.41
N LYS B 215 11.51 -12.33 -6.43
CA LYS B 215 12.46 -12.97 -5.51
C LYS B 215 11.88 -14.16 -4.72
N PRO B 216 10.63 -14.04 -4.26
CA PRO B 216 10.07 -15.15 -3.48
C PRO B 216 9.98 -16.45 -4.28
N SER B 217 10.40 -16.41 -5.54
CA SER B 217 10.25 -17.56 -6.41
C SER B 217 11.57 -17.85 -7.13
N ASN B 218 12.57 -17.01 -6.88
CA ASN B 218 13.86 -17.14 -7.53
C ASN B 218 13.74 -16.98 -9.05
N THR B 219 12.73 -16.23 -9.46
CA THR B 219 12.48 -16.02 -10.88
C THR B 219 13.06 -14.68 -11.32
N LYS B 220 13.59 -14.63 -12.54
CA LYS B 220 14.11 -13.38 -13.09
C LYS B 220 14.07 -13.41 -14.62
N VAL B 221 12.90 -13.10 -15.17
CA VAL B 221 12.70 -13.12 -16.62
C VAL B 221 12.86 -11.76 -17.27
N ASP B 222 13.05 -11.76 -18.57
CA ASP B 222 13.15 -10.54 -19.36
C ASP B 222 12.36 -10.74 -20.65
N LYS B 223 11.33 -9.92 -20.86
CA LYS B 223 10.51 -10.07 -22.07
C LYS B 223 10.69 -8.92 -23.05
N LYS B 224 10.81 -9.26 -24.33
CA LYS B 224 11.00 -8.26 -25.38
C LYS B 224 9.65 -7.85 -25.95
N VAL B 225 9.28 -6.59 -25.75
CA VAL B 225 8.03 -6.05 -26.28
C VAL B 225 8.30 -5.30 -27.57
N GLU B 226 7.64 -5.71 -28.64
CA GLU B 226 7.80 -5.07 -29.94
C GLU B 226 6.48 -5.00 -30.71
N PRO B 227 6.40 -4.09 -31.70
CA PRO B 227 5.18 -3.78 -32.46
C PRO B 227 4.32 -4.99 -32.80
N LYS B 228 3.04 -4.74 -33.09
CA LYS B 228 2.08 -5.79 -33.41
C LYS B 228 2.09 -6.14 -34.90
N ASN C 2 -5.20 1.54 32.87
CA ASN C 2 -4.75 1.72 31.49
C ASN C 2 -3.37 1.13 31.24
N TRP C 3 -3.34 0.01 30.52
CA TRP C 3 -2.10 -0.71 30.24
C TRP C 3 -0.98 0.22 29.76
N PHE C 4 -1.35 1.25 29.00
CA PHE C 4 -0.36 2.13 28.39
C PHE C 4 0.36 3.03 29.39
N ASN C 5 -0.13 3.05 30.62
CA ASN C 5 0.45 3.88 31.66
C ASN C 5 1.54 3.19 32.45
N ILE C 6 1.36 1.89 32.67
CA ILE C 6 2.23 1.09 33.53
C ILE C 6 3.72 1.46 33.47
N THR C 7 4.28 1.58 32.28
CA THR C 7 5.69 1.89 32.13
C THR C 7 6.06 3.17 32.86
N ASN C 8 5.06 3.99 33.17
CA ASN C 8 5.27 5.22 33.94
C ASN C 8 5.40 4.88 35.42
N LEU C 10 6.56 2.08 36.53
CA LEU C 10 7.94 1.57 36.62
C LEU C 10 9.03 2.65 36.49
N TRP C 11 9.10 3.50 35.31
CA TRP C 11 10.15 4.52 35.21
C TRP C 11 10.17 5.35 36.48
N ILE C 13 9.37 4.45 39.67
CA ILE C 13 10.05 3.71 40.74
C ILE C 13 11.55 3.72 40.46
N LYS C 14 12.07 3.09 39.26
CA LYS C 14 13.50 3.09 38.95
C LYS C 14 14.20 4.41 39.23
N LYS C 15 13.53 5.52 38.94
CA LYS C 15 14.07 6.84 39.28
C LYS C 15 14.03 7.09 40.78
N LYS C 16 12.85 6.95 41.36
CA LYS C 16 12.68 7.04 42.80
C LYS C 16 13.81 6.35 43.56
N LYS C 17 14.05 5.07 43.25
CA LYS C 17 15.10 4.33 43.97
C LYS C 17 15.32 2.95 43.40
#